data_6SR9
#
_entry.id   6SR9
#
_cell.length_a   68.516
_cell.length_b   142.624
_cell.length_c   65.431
_cell.angle_alpha   90.000
_cell.angle_beta   116.440
_cell.angle_gamma   90.000
#
_symmetry.space_group_name_H-M   'C 1 2 1'
#
loop_
_entity.id
_entity.type
_entity.pdbx_description
1 polymer 'Uncharacterized protein'
2 non-polymer GLUTATHIONE
3 non-polymer trans-oxyresveratrol
4 water water
#
_entity_poly.entity_id   1
_entity_poly.type   'polypeptide(L)'
_entity_poly.pdbx_seq_one_letter_code
;MPERITLYTAKICPFAQRVEIALHEAKAHHNVEQFQIDLQNKPEWYAPKVNPASKVPAIAYGGPHVPPDQPSPESIKLAE
SLILVEFVADLFPHSHLLPHDPVKRAQARFFIDGVSTKFIPAWHAFSQGKSSEEDFLTAVEHLQALLPESGFAVGAYSIA
DVALTPFLGRARVTLKEDLGGYPRGEGPRVLAVLTSGTGRLARFGKYAQDLLARESFQATFDEAYITERYKARFADLRKH
HHHHH
;
_entity_poly.pdbx_strand_id   A,B
#
loop_
_chem_comp.id
_chem_comp.type
_chem_comp.name
_chem_comp.formula
EZE non-polymer trans-oxyresveratrol 'C14 H12 O4'
GSH non-polymer GLUTATHIONE 'C10 H17 N3 O6 S'
#
# COMPACT_ATOMS: atom_id res chain seq x y z
N PRO A 2 25.80 -27.31 23.29
CA PRO A 2 26.37 -25.99 22.96
C PRO A 2 26.79 -25.27 24.23
N GLU A 3 27.62 -24.25 24.08
CA GLU A 3 28.06 -23.47 25.23
C GLU A 3 26.94 -22.59 25.73
N ARG A 4 27.21 -21.82 26.79
CA ARG A 4 26.14 -21.08 27.44
C ARG A 4 25.68 -19.89 26.56
N ILE A 5 24.40 -19.61 26.62
CA ILE A 5 23.79 -18.53 25.82
C ILE A 5 23.13 -17.53 26.76
N THR A 6 23.51 -16.26 26.61
CA THR A 6 22.74 -15.15 27.15
C THR A 6 22.17 -14.36 25.97
N LEU A 7 20.85 -14.19 25.97
CA LEU A 7 20.12 -13.45 24.94
C LEU A 7 19.65 -12.11 25.50
N TYR A 8 20.06 -11.03 24.85
CA TYR A 8 19.62 -9.69 25.20
C TYR A 8 18.47 -9.35 24.25
N THR A 9 17.28 -9.13 24.81
CA THR A 9 16.04 -9.05 24.04
C THR A 9 15.11 -7.97 24.62
N ALA A 10 13.93 -7.81 24.01
CA ALA A 10 12.88 -6.94 24.55
C ALA A 10 11.54 -7.41 24.02
N LYS A 11 10.55 -7.52 24.90
CA LYS A 11 9.22 -7.99 24.50
C LYS A 11 8.65 -7.23 23.30
N ILE A 12 8.98 -5.94 23.18
CA ILE A 12 8.34 -5.10 22.15
C ILE A 12 8.86 -5.40 20.75
N CYS A 13 10.06 -6.00 20.65
CA CYS A 13 10.83 -5.98 19.42
C CYS A 13 10.59 -7.24 18.59
N PRO A 14 10.05 -7.13 17.37
CA PRO A 14 9.83 -8.34 16.59
C PRO A 14 11.12 -8.99 16.14
N PHE A 15 12.19 -8.21 15.97
CA PHE A 15 13.44 -8.79 15.50
C PHE A 15 13.99 -9.71 16.59
N ALA A 16 13.83 -9.28 17.84
CA ALA A 16 14.27 -10.09 18.98
C ALA A 16 13.40 -11.34 19.13
N GLN A 17 12.08 -11.20 18.91
CA GLN A 17 11.20 -12.35 19.03
C GLN A 17 11.58 -13.45 18.05
N ARG A 18 12.16 -13.10 16.89
CA ARG A 18 12.65 -14.12 15.96
C ARG A 18 13.55 -15.11 16.69
N VAL A 19 14.47 -14.59 17.53
CA VAL A 19 15.46 -15.42 18.21
C VAL A 19 14.79 -16.20 19.35
N GLU A 20 13.83 -15.59 20.04
CA GLU A 20 13.10 -16.31 21.06
C GLU A 20 12.31 -17.48 20.47
N ILE A 21 11.62 -17.24 19.35
CA ILE A 21 10.94 -18.34 18.63
C ILE A 21 11.94 -19.41 18.25
N ALA A 22 13.08 -19.02 17.68
CA ALA A 22 14.03 -20.02 17.24
C ALA A 22 14.47 -20.89 18.41
N LEU A 23 14.75 -20.25 19.55
CA LEU A 23 15.18 -21.01 20.74
C LEU A 23 14.08 -21.94 21.22
N HIS A 24 12.83 -21.48 21.18
CA HIS A 24 11.71 -22.30 21.62
C HIS A 24 11.46 -23.48 20.68
N GLU A 25 11.54 -23.25 19.36
CA GLU A 25 11.44 -24.36 18.41
C GLU A 25 12.52 -25.41 18.70
N ALA A 26 13.71 -24.97 19.06
CA ALA A 26 14.79 -25.88 19.44
C ALA A 26 14.59 -26.42 20.85
N LYS A 27 13.46 -26.08 21.49
CA LYS A 27 13.16 -26.49 22.85
C LYS A 27 14.35 -26.23 23.78
N ALA A 28 14.95 -25.06 23.60
CA ALA A 28 16.09 -24.58 24.36
C ALA A 28 15.78 -23.29 25.13
N HIS A 29 14.51 -22.87 25.16
CA HIS A 29 14.16 -21.60 25.80
C HIS A 29 14.40 -21.63 27.29
N HIS A 30 14.40 -22.80 27.91
CA HIS A 30 14.70 -22.93 29.33
C HIS A 30 16.17 -23.16 29.63
N ASN A 31 17.01 -23.25 28.60
CA ASN A 31 18.45 -23.35 28.78
C ASN A 31 19.18 -22.01 28.66
N VAL A 32 18.54 -20.97 28.19
CA VAL A 32 19.22 -19.70 27.90
C VAL A 32 18.76 -18.65 28.90
N GLU A 33 19.68 -17.81 29.30
CA GLU A 33 19.37 -16.69 30.16
C GLU A 33 18.93 -15.50 29.31
N GLN A 34 17.71 -15.04 29.55
CA GLN A 34 17.22 -13.82 28.91
C GLN A 34 17.46 -12.62 29.78
N PHE A 35 17.89 -11.53 29.16
CA PHE A 35 17.96 -10.22 29.83
C PHE A 35 17.20 -9.20 29.00
N GLN A 36 16.18 -8.61 29.62
CA GLN A 36 15.34 -7.59 28.96
C GLN A 36 16.01 -6.24 28.94
N ILE A 37 16.20 -5.69 27.74
CA ILE A 37 16.77 -4.36 27.59
C ILE A 37 15.62 -3.35 27.47
N ASP A 38 15.68 -2.27 28.26
CA ASP A 38 14.69 -1.20 28.17
C ASP A 38 15.16 -0.26 27.06
N LEU A 39 14.47 -0.25 25.94
CA LEU A 39 14.99 0.50 24.81
C LEU A 39 14.86 2.00 24.97
N GLN A 40 14.08 2.45 25.96
CA GLN A 40 13.99 3.88 26.25
C GLN A 40 15.07 4.36 27.21
N ASN A 41 15.76 3.42 27.85
CA ASN A 41 16.77 3.76 28.83
C ASN A 41 17.76 2.59 28.82
N LYS A 42 18.57 2.52 27.76
CA LYS A 42 19.48 1.39 27.62
C LYS A 42 20.59 1.46 28.64
N PRO A 43 21.04 0.32 29.15
CA PRO A 43 22.16 0.33 30.10
C PRO A 43 23.41 0.91 29.43
N GLU A 44 24.20 1.66 30.21
CA GLU A 44 25.42 2.27 29.68
C GLU A 44 26.45 1.23 29.20
N TRP A 45 26.43 0.01 29.75
CA TRP A 45 27.38 -1.02 29.34
C TRP A 45 26.92 -1.79 28.09
N TYR A 46 25.68 -1.60 27.63
CA TYR A 46 25.16 -2.49 26.55
C TYR A 46 25.90 -2.25 25.24
N ALA A 47 25.93 -1.00 24.80
CA ALA A 47 26.62 -0.67 23.55
C ALA A 47 28.11 -0.95 23.61
N PRO A 48 28.86 -0.52 24.63
CA PRO A 48 30.30 -0.82 24.63
C PRO A 48 30.63 -2.28 24.86
N LYS A 49 29.84 -3.04 25.61
CA LYS A 49 30.24 -4.40 25.95
C LYS A 49 29.51 -5.52 25.21
N VAL A 50 28.32 -5.27 24.63
CA VAL A 50 27.54 -6.31 23.98
C VAL A 50 27.36 -6.04 22.49
N ASN A 51 26.81 -4.85 22.14
CA ASN A 51 26.40 -4.61 20.73
C ASN A 51 26.59 -3.13 20.44
N PRO A 52 27.62 -2.75 19.70
CA PRO A 52 27.85 -1.32 19.45
C PRO A 52 26.72 -0.65 18.66
N ALA A 53 25.92 -1.42 17.92
CA ALA A 53 24.75 -0.90 17.24
C ALA A 53 23.66 -0.52 18.22
N SER A 54 23.80 -0.92 19.48
CA SER A 54 22.84 -0.59 20.52
C SER A 54 21.43 -1.04 20.17
N LYS A 55 21.30 -2.27 19.64
CA LYS A 55 20.00 -2.83 19.33
C LYS A 55 19.91 -4.24 19.91
N VAL A 56 18.66 -4.66 20.15
CA VAL A 56 18.34 -6.06 20.37
C VAL A 56 17.78 -6.65 19.07
N PRO A 57 17.95 -7.97 18.88
CA PRO A 57 18.63 -8.94 19.77
C PRO A 57 20.13 -8.94 19.67
N ALA A 58 20.77 -9.47 20.71
CA ALA A 58 22.18 -9.80 20.65
C ALA A 58 22.38 -10.97 21.60
N ILE A 59 23.36 -11.81 21.29
CA ILE A 59 23.69 -12.99 22.09
C ILE A 59 25.12 -12.83 22.59
N ALA A 60 25.35 -13.24 23.83
CA ALA A 60 26.68 -13.53 24.35
C ALA A 60 26.85 -15.05 24.48
N TYR A 61 27.85 -15.58 23.81
CA TYR A 61 28.02 -17.03 23.66
C TYR A 61 29.31 -17.50 24.35
N GLY A 62 29.18 -18.50 25.20
CA GLY A 62 30.34 -19.09 25.87
C GLY A 62 30.89 -18.15 26.95
N GLY A 63 32.18 -18.32 27.24
CA GLY A 63 32.79 -17.59 28.33
C GLY A 63 32.37 -18.12 29.69
N PRO A 64 32.86 -17.48 30.75
CA PRO A 64 32.45 -17.85 32.12
C PRO A 64 31.02 -17.49 32.45
N HIS A 65 30.53 -18.11 33.52
CA HIS A 65 29.27 -17.71 34.14
C HIS A 65 29.39 -16.34 34.80
N VAL A 66 28.58 -15.38 34.36
CA VAL A 66 28.58 -14.01 34.89
C VAL A 66 27.15 -13.48 34.93
N PRO A 67 26.89 -12.52 35.81
CA PRO A 67 25.60 -11.83 35.75
C PRO A 67 25.40 -11.21 34.38
N PRO A 68 24.19 -11.23 33.86
CA PRO A 68 23.95 -10.72 32.48
C PRO A 68 24.17 -9.22 32.35
N ASP A 69 24.07 -8.44 33.44
CA ASP A 69 24.42 -7.02 33.36
C ASP A 69 25.91 -6.76 33.52
N GLN A 70 26.71 -7.82 33.62
CA GLN A 70 28.17 -7.73 33.62
C GLN A 70 28.78 -8.73 32.65
N PRO A 71 28.41 -8.62 31.37
CA PRO A 71 28.87 -9.61 30.40
C PRO A 71 30.37 -9.66 30.34
N SER A 72 30.86 -10.86 30.18
CA SER A 72 32.29 -11.08 30.18
C SER A 72 32.92 -10.62 28.87
N PRO A 73 34.14 -10.08 28.92
CA PRO A 73 34.95 -9.92 27.72
C PRO A 73 35.23 -11.21 26.95
N GLU A 74 35.15 -12.37 27.59
CA GLU A 74 35.55 -13.60 26.90
C GLU A 74 34.42 -14.27 26.13
N SER A 75 33.15 -13.94 26.38
CA SER A 75 32.09 -14.47 25.55
C SER A 75 32.10 -13.82 24.16
N ILE A 76 31.62 -14.57 23.18
CA ILE A 76 31.53 -14.09 21.80
C ILE A 76 30.21 -13.37 21.65
N LYS A 77 30.26 -12.10 21.19
CA LYS A 77 29.08 -11.29 21.02
C LYS A 77 28.63 -11.39 19.56
N LEU A 78 27.36 -11.69 19.38
CA LEU A 78 26.78 -11.87 18.04
C LEU A 78 25.50 -11.04 17.95
N ALA A 79 25.27 -10.40 16.80
CA ALA A 79 24.06 -9.61 16.61
C ALA A 79 23.45 -9.90 15.22
N GLU A 80 22.28 -9.30 14.95
CA GLU A 80 21.47 -9.38 13.73
C GLU A 80 20.57 -10.61 13.76
N SER A 81 19.26 -10.35 13.85
CA SER A 81 18.28 -11.39 14.18
C SER A 81 18.31 -12.56 13.20
N LEU A 82 18.35 -12.29 11.88
CA LEU A 82 18.37 -13.40 10.92
C LEU A 82 19.63 -14.26 11.07
N ILE A 83 20.77 -13.63 11.41
CA ILE A 83 22.00 -14.38 11.59
C ILE A 83 21.91 -15.22 12.85
N LEU A 84 21.34 -14.65 13.91
CA LEU A 84 21.15 -15.38 15.15
C LEU A 84 20.16 -16.53 15.00
N VAL A 85 19.15 -16.40 14.10
CA VAL A 85 18.22 -17.51 13.91
C VAL A 85 18.95 -18.67 13.25
N GLU A 86 19.82 -18.39 12.26
CA GLU A 86 20.60 -19.44 11.62
C GLU A 86 21.63 -20.04 12.59
N PHE A 87 22.18 -19.22 13.46
CA PHE A 87 23.09 -19.71 14.50
C PHE A 87 22.39 -20.70 15.42
N VAL A 88 21.19 -20.35 15.89
CA VAL A 88 20.42 -21.26 16.71
C VAL A 88 20.14 -22.55 15.96
N ALA A 89 19.69 -22.43 14.69
CA ALA A 89 19.50 -23.62 13.85
C ALA A 89 20.77 -24.45 13.74
N ASP A 90 21.93 -23.78 13.61
CA ASP A 90 23.18 -24.48 13.43
C ASP A 90 23.60 -25.18 14.73
N LEU A 91 23.32 -24.56 15.87
CA LEU A 91 23.66 -25.12 17.17
C LEU A 91 22.71 -26.21 17.63
N PHE A 92 21.44 -26.18 17.23
CA PHE A 92 20.43 -27.13 17.70
C PHE A 92 19.75 -27.80 16.50
N PRO A 93 20.50 -28.61 15.73
CA PRO A 93 19.95 -29.21 14.49
C PRO A 93 18.64 -29.98 14.69
N HIS A 94 18.45 -30.63 15.83
CA HIS A 94 17.19 -31.32 16.06
C HIS A 94 16.00 -30.37 16.14
N SER A 95 16.24 -29.03 16.11
CA SER A 95 15.14 -28.09 15.97
C SER A 95 14.46 -28.22 14.62
N HIS A 96 15.19 -28.66 13.60
CA HIS A 96 14.74 -28.78 12.22
C HIS A 96 14.40 -27.43 11.59
N LEU A 97 14.97 -26.35 12.12
CA LEU A 97 14.72 -25.02 11.58
C LEU A 97 15.32 -24.83 10.20
N LEU A 98 16.51 -25.36 9.97
CA LEU A 98 17.17 -25.25 8.67
C LEU A 98 16.97 -26.52 7.86
N PRO A 99 16.32 -26.48 6.70
CA PRO A 99 16.15 -27.71 5.94
C PRO A 99 17.50 -28.33 5.56
N HIS A 100 17.50 -29.66 5.43
CA HIS A 100 18.71 -30.35 4.99
C HIS A 100 19.00 -30.10 3.52
N ASP A 101 17.97 -30.14 2.70
CA ASP A 101 18.17 -30.12 1.26
C ASP A 101 18.64 -28.75 0.78
N PRO A 102 19.72 -28.66 0.01
CA PRO A 102 20.23 -27.34 -0.38
C PRO A 102 19.22 -26.49 -1.11
N VAL A 103 18.35 -27.09 -1.94
CA VAL A 103 17.36 -26.28 -2.63
C VAL A 103 16.33 -25.72 -1.66
N LYS A 104 15.86 -26.54 -0.73
CA LYS A 104 14.88 -26.06 0.22
C LYS A 104 15.47 -24.98 1.12
N ARG A 105 16.77 -25.05 1.41
CA ARG A 105 17.42 -23.98 2.18
C ARG A 105 17.40 -22.68 1.42
N ALA A 106 17.74 -22.73 0.13
CA ALA A 106 17.74 -21.52 -0.69
C ALA A 106 16.34 -20.94 -0.77
N GLN A 107 15.32 -21.81 -0.96
CA GLN A 107 13.94 -21.34 -1.04
C GLN A 107 13.46 -20.75 0.28
N ALA A 108 13.86 -21.34 1.42
CA ALA A 108 13.53 -20.72 2.71
C ALA A 108 14.18 -19.34 2.84
N ARG A 109 15.44 -19.20 2.42
CA ARG A 109 16.12 -17.92 2.53
C ARG A 109 15.57 -16.89 1.53
N PHE A 110 15.09 -17.35 0.39
CA PHE A 110 14.47 -16.44 -0.57
C PHE A 110 13.16 -15.90 -0.03
N PHE A 111 12.40 -16.75 0.66
CA PHE A 111 11.21 -16.27 1.33
C PHE A 111 11.56 -15.18 2.35
N ILE A 112 12.64 -15.40 3.14
CA ILE A 112 13.12 -14.40 4.09
C ILE A 112 13.45 -13.08 3.40
N ASP A 113 14.10 -13.16 2.24
CA ASP A 113 14.39 -11.96 1.46
C ASP A 113 13.11 -11.17 1.13
N GLY A 114 12.02 -11.88 0.81
CA GLY A 114 10.76 -11.19 0.56
C GLY A 114 10.15 -10.60 1.82
N VAL A 115 10.30 -11.30 2.96
CA VAL A 115 9.88 -10.72 4.23
C VAL A 115 10.67 -9.44 4.49
N SER A 116 11.98 -9.47 4.21
CA SER A 116 12.86 -8.34 4.51
C SER A 116 12.63 -7.16 3.57
N THR A 117 12.51 -7.42 2.26
CA THR A 117 12.54 -6.37 1.27
C THR A 117 11.15 -5.95 0.83
N LYS A 118 10.12 -6.75 1.13
CA LYS A 118 8.77 -6.45 0.67
C LYS A 118 7.80 -6.34 1.84
N PHE A 119 7.61 -7.38 2.66
CA PHE A 119 6.56 -7.35 3.68
C PHE A 119 6.82 -6.27 4.74
N ILE A 120 8.00 -6.27 5.33
CA ILE A 120 8.27 -5.43 6.49
C ILE A 120 8.22 -3.96 6.07
N PRO A 121 8.94 -3.53 5.03
CA PRO A 121 8.85 -2.13 4.62
C PRO A 121 7.45 -1.73 4.21
N ALA A 122 6.72 -2.63 3.59
CA ALA A 122 5.37 -2.27 3.15
C ALA A 122 4.44 -2.16 4.34
N TRP A 123 4.63 -3.03 5.35
CA TRP A 123 3.85 -2.93 6.59
C TRP A 123 4.17 -1.64 7.33
N HIS A 124 5.46 -1.33 7.49
CA HIS A 124 5.87 -0.10 8.15
C HIS A 124 5.25 1.14 7.47
N ALA A 125 5.34 1.21 6.14
CA ALA A 125 4.86 2.38 5.39
C ALA A 125 3.36 2.53 5.50
N PHE A 126 2.64 1.42 5.48
CA PHE A 126 1.18 1.47 5.52
C PHE A 126 0.69 1.75 6.93
N SER A 127 1.24 1.06 7.93
CA SER A 127 0.85 1.28 9.31
C SER A 127 1.22 2.66 9.81
N GLN A 128 2.18 3.33 9.18
CA GLN A 128 2.57 4.67 9.60
C GLN A 128 1.79 5.76 8.87
N GLY A 129 0.91 5.38 7.94
CA GLY A 129 0.16 6.34 7.17
C GLY A 129 0.90 6.94 5.99
N LYS A 130 1.95 6.28 5.52
CA LYS A 130 2.75 6.84 4.45
C LYS A 130 2.28 6.44 3.08
N SER A 131 1.73 5.23 2.94
CA SER A 131 1.44 4.63 1.66
C SER A 131 0.03 4.06 1.65
N SER A 132 -0.30 3.36 0.58
CA SER A 132 -1.66 2.90 0.38
C SER A 132 -1.85 1.49 0.92
N GLU A 133 -3.10 1.17 1.19
CA GLU A 133 -3.46 -0.20 1.50
C GLU A 133 -3.02 -1.14 0.38
N GLU A 134 -3.16 -0.72 -0.87
CA GLU A 134 -2.85 -1.59 -2.00
C GLU A 134 -1.36 -1.93 -2.06
N ASP A 135 -0.48 -0.97 -1.72
CA ASP A 135 0.95 -1.26 -1.66
C ASP A 135 1.25 -2.36 -0.64
N PHE A 136 0.55 -2.37 0.50
CA PHE A 136 0.77 -3.41 1.51
C PHE A 136 0.28 -4.76 1.01
N LEU A 137 -0.94 -4.79 0.45
CA LEU A 137 -1.53 -6.05 0.03
C LEU A 137 -0.73 -6.70 -1.11
N THR A 138 -0.26 -5.89 -2.06
CA THR A 138 0.60 -6.39 -3.11
C THR A 138 1.84 -7.08 -2.56
N ALA A 139 2.47 -6.47 -1.56
CA ALA A 139 3.66 -7.08 -0.97
C ALA A 139 3.30 -8.40 -0.32
N VAL A 140 2.16 -8.46 0.35
CA VAL A 140 1.71 -9.73 0.90
C VAL A 140 1.50 -10.75 -0.21
N GLU A 141 0.98 -10.32 -1.38
CA GLU A 141 0.76 -11.28 -2.45
C GLU A 141 2.06 -11.84 -2.98
N HIS A 142 3.15 -11.07 -2.93
CA HIS A 142 4.44 -11.63 -3.29
C HIS A 142 4.76 -12.86 -2.46
N LEU A 143 4.59 -12.76 -1.14
CA LEU A 143 4.83 -13.89 -0.24
C LEU A 143 3.85 -15.04 -0.51
N GLN A 144 2.56 -14.71 -0.64
CA GLN A 144 1.55 -15.72 -0.91
C GLN A 144 1.95 -16.58 -2.10
N ALA A 145 2.48 -15.96 -3.16
CA ALA A 145 2.80 -16.67 -4.40
C ALA A 145 3.94 -17.66 -4.23
N LEU A 146 4.74 -17.49 -3.19
CA LEU A 146 5.78 -18.45 -2.85
C LEU A 146 5.29 -19.63 -2.04
N LEU A 147 4.08 -19.57 -1.48
CA LEU A 147 3.66 -20.61 -0.57
C LEU A 147 3.33 -21.89 -1.33
N PRO A 148 3.65 -23.05 -0.78
CA PRO A 148 3.16 -24.32 -1.36
C PRO A 148 1.69 -24.52 -1.07
N GLU A 149 1.14 -25.56 -1.74
CA GLU A 149 -0.30 -25.78 -1.65
C GLU A 149 -0.75 -25.93 -0.20
N SER A 150 0.05 -26.61 0.62
CA SER A 150 -0.24 -26.70 2.03
C SER A 150 1.05 -26.52 2.83
N GLY A 151 0.89 -26.26 4.11
CA GLY A 151 2.04 -26.18 4.99
C GLY A 151 2.54 -24.76 5.17
N PHE A 152 3.78 -24.64 5.66
CA PHE A 152 4.44 -23.38 5.92
C PHE A 152 5.24 -22.95 4.69
N ALA A 153 6.14 -21.97 4.84
CA ALA A 153 6.74 -21.33 3.66
C ALA A 153 7.47 -22.34 2.74
N VAL A 154 8.12 -23.38 3.28
CA VAL A 154 8.68 -24.40 2.38
C VAL A 154 8.13 -25.78 2.74
N GLY A 155 6.91 -25.80 3.28
CA GLY A 155 6.26 -27.02 3.72
C GLY A 155 6.39 -27.21 5.21
N ALA A 156 7.45 -27.92 5.61
CA ALA A 156 7.82 -28.00 7.01
C ALA A 156 8.18 -26.62 7.54
N TYR A 157 7.76 -26.34 8.77
CA TYR A 157 8.18 -25.12 9.45
C TYR A 157 9.69 -24.92 9.37
N SER A 158 10.12 -23.67 9.18
CA SER A 158 11.53 -23.35 8.97
C SER A 158 11.86 -21.95 9.46
N ILE A 159 13.13 -21.57 9.27
CA ILE A 159 13.59 -20.19 9.53
C ILE A 159 12.78 -19.15 8.76
N ALA A 160 12.23 -19.52 7.59
CA ALA A 160 11.37 -18.59 6.85
C ALA A 160 10.19 -18.12 7.69
N ASP A 161 9.51 -19.06 8.33
CA ASP A 161 8.37 -18.74 9.17
C ASP A 161 8.79 -17.98 10.43
N VAL A 162 9.96 -18.30 10.97
CA VAL A 162 10.48 -17.54 12.12
C VAL A 162 10.61 -16.06 11.78
N ALA A 163 11.14 -15.75 10.58
CA ALA A 163 11.47 -14.38 10.22
C ALA A 163 10.20 -13.52 10.16
N LEU A 164 9.09 -14.10 9.66
CA LEU A 164 7.87 -13.35 9.39
C LEU A 164 6.98 -13.18 10.62
N THR A 165 6.86 -14.23 11.44
CA THR A 165 5.76 -14.32 12.42
C THR A 165 5.72 -13.14 13.40
N PRO A 166 6.83 -12.69 13.97
CA PRO A 166 6.76 -11.57 14.94
C PRO A 166 6.14 -10.31 14.34
N PHE A 167 6.34 -10.10 13.04
CA PHE A 167 5.80 -8.92 12.39
C PHE A 167 4.33 -9.09 12.07
N LEU A 168 3.92 -10.30 11.71
CA LEU A 168 2.50 -10.59 11.53
C LEU A 168 1.73 -10.44 12.82
N GLY A 169 2.25 -10.98 13.92
CA GLY A 169 1.49 -10.89 15.15
C GLY A 169 1.35 -9.47 15.64
N ARG A 170 2.35 -8.62 15.39
CA ARG A 170 2.21 -7.23 15.78
C ARG A 170 1.29 -6.49 14.81
N ALA A 171 1.35 -6.82 13.53
CA ALA A 171 0.45 -6.17 12.61
C ALA A 171 -1.00 -6.42 12.98
N ARG A 172 -1.32 -7.64 13.40
CA ARG A 172 -2.66 -7.98 13.89
C ARG A 172 -3.08 -7.06 15.03
N VAL A 173 -2.20 -6.84 16.00
CA VAL A 173 -2.56 -5.97 17.12
C VAL A 173 -2.84 -4.56 16.62
N THR A 174 -1.97 -4.04 15.76
CA THR A 174 -2.17 -2.72 15.22
C THR A 174 -3.50 -2.62 14.48
N LEU A 175 -3.85 -3.65 13.69
CA LEU A 175 -5.04 -3.54 12.85
C LEU A 175 -6.29 -3.84 13.64
N LYS A 176 -6.25 -4.88 14.48
CA LYS A 176 -7.39 -5.20 15.34
C LYS A 176 -7.80 -3.98 16.16
N GLU A 177 -6.85 -3.20 16.64
CA GLU A 177 -7.11 -2.12 17.58
C GLU A 177 -7.25 -0.75 16.91
N ASP A 178 -7.34 -0.70 15.59
CA ASP A 178 -7.51 0.56 14.86
C ASP A 178 -6.36 1.54 15.11
N LEU A 179 -5.14 1.03 15.27
CA LEU A 179 -3.99 1.90 15.50
C LEU A 179 -3.24 2.24 14.21
N GLY A 180 -3.82 2.00 13.04
CA GLY A 180 -3.06 2.18 11.82
C GLY A 180 -3.16 3.52 11.10
N GLY A 181 -3.72 4.53 11.76
CA GLY A 181 -3.85 5.85 11.15
C GLY A 181 -5.02 6.07 10.21
N TYR A 182 -5.98 5.14 10.12
CA TYR A 182 -7.17 5.27 9.29
C TYR A 182 -8.45 5.22 10.12
N PRO A 183 -9.57 5.65 9.55
CA PRO A 183 -10.80 5.75 10.36
C PRO A 183 -11.19 4.43 10.99
N ARG A 184 -11.97 4.55 12.06
CA ARG A 184 -12.42 3.38 12.80
C ARG A 184 -13.03 2.34 11.87
N GLY A 185 -12.55 1.10 11.99
CA GLY A 185 -13.07 -0.02 11.23
C GLY A 185 -12.23 -0.39 10.04
N GLU A 186 -11.35 0.52 9.59
CA GLU A 186 -10.52 0.23 8.43
C GLU A 186 -9.43 -0.78 8.77
N GLY A 187 -8.82 -0.64 9.95
CA GLY A 187 -7.89 -1.62 10.48
C GLY A 187 -8.43 -3.03 10.50
N PRO A 188 -9.57 -3.23 11.17
CA PRO A 188 -10.16 -4.58 11.22
C PRO A 188 -10.53 -5.14 9.85
N ARG A 189 -10.96 -4.30 8.90
CA ARG A 189 -11.25 -4.81 7.57
C ARG A 189 -10.00 -5.36 6.90
N VAL A 190 -8.89 -4.63 7.01
CA VAL A 190 -7.64 -5.08 6.39
C VAL A 190 -7.13 -6.34 7.09
N LEU A 191 -7.36 -6.45 8.40
CA LEU A 191 -6.99 -7.69 9.09
C LEU A 191 -7.73 -8.86 8.49
N ALA A 192 -9.04 -8.71 8.28
CA ALA A 192 -9.85 -9.78 7.71
C ALA A 192 -9.35 -10.18 6.33
N VAL A 193 -8.96 -9.21 5.50
CA VAL A 193 -8.36 -9.54 4.20
C VAL A 193 -7.14 -10.41 4.39
N LEU A 194 -6.32 -10.04 5.38
CA LEU A 194 -5.03 -10.68 5.59
C LEU A 194 -5.16 -12.10 6.14
N THR A 195 -6.18 -12.35 6.96
CA THR A 195 -6.22 -13.59 7.74
C THR A 195 -7.53 -14.38 7.68
N SER A 196 -8.52 -13.93 6.90
CA SER A 196 -9.80 -14.64 6.87
C SER A 196 -9.67 -16.02 6.25
N GLY A 197 -8.72 -16.21 5.34
CA GLY A 197 -8.68 -17.42 4.54
C GLY A 197 -9.52 -17.38 3.29
N THR A 198 -10.11 -16.23 2.97
CA THR A 198 -10.94 -16.07 1.79
C THR A 198 -10.44 -14.85 1.02
N GLY A 199 -10.94 -14.68 -0.19
CA GLY A 199 -10.62 -13.50 -0.94
C GLY A 199 -9.28 -13.57 -1.65
N ARG A 200 -8.75 -12.37 -1.93
CA ARG A 200 -7.53 -12.27 -2.72
C ARG A 200 -6.34 -12.84 -1.98
N LEU A 201 -6.38 -12.84 -0.64
CA LEU A 201 -5.31 -13.40 0.17
C LEU A 201 -5.79 -14.64 0.93
N ALA A 202 -6.51 -15.55 0.25
CA ALA A 202 -7.04 -16.73 0.91
C ALA A 202 -5.92 -17.64 1.39
N ARG A 203 -4.99 -17.99 0.49
CA ARG A 203 -3.94 -18.94 0.84
C ARG A 203 -3.02 -18.37 1.92
N PHE A 204 -2.67 -17.08 1.80
CA PHE A 204 -1.88 -16.44 2.84
C PHE A 204 -2.64 -16.39 4.16
N GLY A 205 -3.95 -16.20 4.10
CA GLY A 205 -4.75 -16.14 5.31
C GLY A 205 -4.68 -17.42 6.11
N LYS A 206 -4.78 -18.56 5.42
CA LYS A 206 -4.64 -19.86 6.06
C LYS A 206 -3.24 -20.00 6.68
N TYR A 207 -2.20 -19.68 5.92
CA TYR A 207 -0.83 -19.67 6.40
C TYR A 207 -0.69 -18.78 7.63
N ALA A 208 -1.33 -17.62 7.62
CA ALA A 208 -1.24 -16.70 8.75
C ALA A 208 -1.86 -17.30 10.01
N GLN A 209 -3.05 -17.90 9.87
CA GLN A 209 -3.67 -18.66 10.95
C GLN A 209 -2.70 -19.68 11.53
N ASP A 210 -1.97 -20.39 10.67
CA ASP A 210 -1.05 -21.42 11.14
C ASP A 210 0.16 -20.82 11.85
N LEU A 211 0.67 -19.69 11.35
CA LEU A 211 1.83 -19.07 12.00
C LEU A 211 1.46 -18.59 13.40
N LEU A 212 0.29 -17.97 13.55
CA LEU A 212 -0.14 -17.41 14.83
C LEU A 212 -0.65 -18.47 15.80
N ALA A 213 -0.97 -19.66 15.32
CA ALA A 213 -1.28 -20.80 16.19
C ALA A 213 -0.05 -21.53 16.67
N ARG A 214 1.09 -21.36 16.00
CA ARG A 214 2.32 -22.06 16.36
C ARG A 214 2.66 -21.84 17.83
N GLU A 215 3.02 -22.92 18.53
CA GLU A 215 3.28 -22.81 19.96
C GLU A 215 4.40 -21.82 20.27
N SER A 216 5.53 -21.94 19.58
CA SER A 216 6.66 -21.04 19.80
C SER A 216 6.26 -19.56 19.73
N PHE A 217 5.38 -19.18 18.80
CA PHE A 217 4.96 -17.78 18.73
C PHE A 217 4.19 -17.37 19.97
N GLN A 218 3.13 -18.12 20.29
CA GLN A 218 2.30 -17.77 21.45
C GLN A 218 3.12 -17.72 22.74
N ALA A 219 4.09 -18.62 22.87
CA ALA A 219 4.89 -18.68 24.10
C ALA A 219 5.85 -17.50 24.24
N THR A 220 6.21 -16.85 23.13
CA THR A 220 7.17 -15.75 23.16
C THR A 220 6.52 -14.39 22.92
N PHE A 221 5.20 -14.31 23.02
CA PHE A 221 4.44 -13.14 22.59
C PHE A 221 3.55 -12.70 23.75
N ASP A 222 3.89 -11.57 24.36
CA ASP A 222 3.09 -11.01 25.46
C ASP A 222 2.04 -10.09 24.84
N GLU A 223 0.90 -10.67 24.44
CA GLU A 223 -0.08 -9.89 23.68
C GLU A 223 -0.62 -8.73 24.50
N ALA A 224 -0.84 -8.96 25.81
CA ALA A 224 -1.36 -7.89 26.65
C ALA A 224 -0.38 -6.73 26.76
N TYR A 225 0.90 -7.05 26.91
CA TYR A 225 1.93 -6.02 26.97
C TYR A 225 2.09 -5.28 25.64
N ILE A 226 2.09 -6.01 24.53
CA ILE A 226 2.22 -5.37 23.23
C ILE A 226 1.03 -4.46 22.98
N THR A 227 -0.17 -4.96 23.27
CA THR A 227 -1.36 -4.18 22.98
C THR A 227 -1.36 -2.90 23.81
N GLU A 228 -0.89 -2.98 25.06
CA GLU A 228 -0.83 -1.78 25.89
C GLU A 228 0.19 -0.78 25.36
N ARG A 229 1.37 -1.24 24.97
CA ARG A 229 2.37 -0.32 24.43
C ARG A 229 1.88 0.33 23.13
N TYR A 230 1.23 -0.45 22.28
CA TYR A 230 0.80 0.07 20.99
C TYR A 230 -0.30 1.12 21.15
N LYS A 231 -1.23 0.92 22.08
CA LYS A 231 -2.26 1.93 22.32
C LYS A 231 -1.65 3.23 22.80
N ALA A 232 -0.70 3.14 23.74
CA ALA A 232 -0.08 4.34 24.29
C ALA A 232 0.67 5.11 23.21
N ARG A 233 1.42 4.40 22.37
CA ARG A 233 2.18 5.06 21.31
C ARG A 233 1.25 5.83 20.37
N PHE A 234 0.17 5.18 19.93
CA PHE A 234 -0.78 5.85 19.06
C PHE A 234 -1.40 7.08 19.73
N ALA A 235 -1.61 7.01 21.05
CA ALA A 235 -2.25 8.11 21.76
C ALA A 235 -1.49 9.43 21.62
N ASP A 236 -0.17 9.39 21.42
CA ASP A 236 0.57 10.63 21.20
C ASP A 236 0.28 11.20 19.81
N PRO B 2 -14.78 33.79 -5.51
CA PRO B 2 -14.50 32.59 -4.74
C PRO B 2 -13.43 32.80 -3.69
N GLU B 3 -13.52 32.06 -2.59
CA GLU B 3 -12.50 32.11 -1.56
C GLU B 3 -11.28 31.31 -2.00
N ARG B 4 -10.20 31.38 -1.22
CA ARG B 4 -8.99 30.66 -1.60
C ARG B 4 -9.28 29.17 -1.76
N ILE B 5 -8.66 28.56 -2.77
CA ILE B 5 -8.73 27.12 -3.02
C ILE B 5 -7.31 26.53 -2.90
N THR B 6 -7.14 25.54 -2.01
CA THR B 6 -5.93 24.71 -2.00
C THR B 6 -6.29 23.28 -2.38
N LEU B 7 -5.72 22.80 -3.50
CA LEU B 7 -5.94 21.44 -4.01
C LEU B 7 -4.75 20.54 -3.66
N TYR B 8 -5.02 19.50 -2.88
CA TYR B 8 -4.04 18.45 -2.61
C TYR B 8 -4.21 17.38 -3.68
N THR B 9 -3.17 17.21 -4.51
CA THR B 9 -3.26 16.39 -5.72
C THR B 9 -2.01 15.53 -5.86
N ALA B 10 -1.96 14.77 -6.95
CA ALA B 10 -0.82 13.94 -7.30
C ALA B 10 -0.84 13.69 -8.79
N LYS B 11 0.33 13.77 -9.43
CA LYS B 11 0.44 13.54 -10.86
C LYS B 11 -0.12 12.18 -11.26
N ILE B 12 0.16 11.14 -10.49
CA ILE B 12 -0.18 9.78 -10.90
C ILE B 12 -1.68 9.51 -10.90
N CYS B 13 -2.45 10.32 -10.16
CA CYS B 13 -3.81 9.94 -9.80
C CYS B 13 -4.82 10.45 -10.81
N PRO B 14 -5.57 9.56 -11.49
CA PRO B 14 -6.64 10.02 -12.41
C PRO B 14 -7.78 10.74 -11.70
N PHE B 15 -8.13 10.35 -10.47
CA PHE B 15 -9.19 11.03 -9.74
C PHE B 15 -8.82 12.48 -9.46
N ALA B 16 -7.57 12.71 -9.11
CA ALA B 16 -7.12 14.07 -8.82
C ALA B 16 -6.97 14.90 -10.07
N GLN B 17 -6.57 14.30 -11.20
CA GLN B 17 -6.49 15.07 -12.44
C GLN B 17 -7.87 15.59 -12.86
N ARG B 18 -8.94 14.88 -12.51
CA ARG B 18 -10.26 15.43 -12.79
C ARG B 18 -10.38 16.86 -12.25
N VAL B 19 -9.91 17.09 -11.02
CA VAL B 19 -10.07 18.41 -10.43
C VAL B 19 -9.10 19.39 -11.07
N GLU B 20 -7.89 18.92 -11.39
CA GLU B 20 -6.94 19.77 -12.10
C GLU B 20 -7.53 20.26 -13.42
N ILE B 21 -8.10 19.33 -14.21
CA ILE B 21 -8.80 19.67 -15.46
C ILE B 21 -9.90 20.68 -15.21
N ALA B 22 -10.74 20.43 -14.20
CA ALA B 22 -11.83 21.34 -13.90
C ALA B 22 -11.32 22.76 -13.63
N LEU B 23 -10.27 22.89 -12.79
CA LEU B 23 -9.77 24.22 -12.48
C LEU B 23 -9.20 24.88 -13.73
N HIS B 24 -8.57 24.09 -14.60
CA HIS B 24 -8.03 24.63 -15.84
C HIS B 24 -9.15 25.14 -16.75
N GLU B 25 -10.23 24.34 -16.94
CA GLU B 25 -11.35 24.82 -17.76
C GLU B 25 -11.99 26.07 -17.19
N ALA B 26 -12.00 26.23 -15.87
CA ALA B 26 -12.50 27.42 -15.22
C ALA B 26 -11.49 28.56 -15.26
N LYS B 27 -10.30 28.33 -15.84
CA LYS B 27 -9.25 29.35 -15.83
C LYS B 27 -9.07 29.93 -14.43
N ALA B 28 -9.24 29.12 -13.39
CA ALA B 28 -9.12 29.58 -12.01
C ALA B 28 -7.66 29.47 -11.61
N HIS B 29 -6.90 30.54 -11.87
CA HIS B 29 -5.48 30.57 -11.56
C HIS B 29 -5.16 31.50 -10.41
N HIS B 30 -5.95 32.55 -10.23
CA HIS B 30 -5.72 33.48 -9.14
C HIS B 30 -6.26 32.92 -7.82
N ASN B 31 -5.44 32.99 -6.76
CA ASN B 31 -5.83 32.53 -5.42
C ASN B 31 -6.03 31.01 -5.38
N VAL B 32 -5.40 30.30 -6.31
CA VAL B 32 -5.49 28.85 -6.40
C VAL B 32 -4.10 28.26 -6.32
N GLU B 33 -3.93 27.34 -5.41
CA GLU B 33 -2.66 26.70 -5.14
C GLU B 33 -2.86 25.21 -5.21
N GLN B 34 -1.94 24.50 -5.88
CA GLN B 34 -1.88 23.04 -5.89
C GLN B 34 -0.64 22.55 -5.15
N PHE B 35 -0.81 21.49 -4.36
CA PHE B 35 0.24 20.89 -3.52
C PHE B 35 0.30 19.39 -3.77
N GLN B 36 1.48 18.87 -4.15
CA GLN B 36 1.61 17.46 -4.51
C GLN B 36 1.76 16.60 -3.27
N ILE B 37 0.93 15.58 -3.14
CA ILE B 37 1.11 14.53 -2.13
C ILE B 37 1.81 13.36 -2.81
N ASP B 38 2.94 12.94 -2.23
CA ASP B 38 3.63 11.71 -2.62
C ASP B 38 2.85 10.55 -2.01
N LEU B 39 2.19 9.76 -2.85
CA LEU B 39 1.34 8.70 -2.31
C LEU B 39 2.13 7.54 -1.74
N GLN B 40 3.44 7.48 -1.96
CA GLN B 40 4.32 6.53 -1.27
C GLN B 40 4.87 7.09 0.02
N ASN B 41 4.58 8.35 0.32
CA ASN B 41 5.27 9.05 1.40
C ASN B 41 4.35 10.17 1.88
N LYS B 42 3.14 9.81 2.29
CA LYS B 42 2.11 10.79 2.56
C LYS B 42 2.47 11.57 3.82
N PRO B 43 2.35 12.90 3.82
CA PRO B 43 2.76 13.66 5.00
C PRO B 43 1.93 13.26 6.21
N GLU B 44 2.55 13.42 7.40
CA GLU B 44 1.90 12.96 8.62
C GLU B 44 0.69 13.80 8.99
N TRP B 45 0.65 15.07 8.57
CA TRP B 45 -0.49 15.96 8.83
C TRP B 45 -1.64 15.79 7.82
N TYR B 46 -1.43 15.06 6.73
CA TYR B 46 -2.43 15.05 5.65
C TYR B 46 -3.76 14.46 6.12
N ALA B 47 -3.74 13.26 6.68
CA ALA B 47 -5.02 12.63 7.03
C ALA B 47 -5.66 13.28 8.24
N PRO B 48 -4.90 13.62 9.28
CA PRO B 48 -5.50 14.28 10.44
C PRO B 48 -6.06 15.66 10.15
N LYS B 49 -5.42 16.42 9.27
CA LYS B 49 -5.81 17.80 9.08
C LYS B 49 -6.60 18.10 7.80
N VAL B 50 -6.53 17.25 6.76
CA VAL B 50 -7.14 17.56 5.47
C VAL B 50 -8.19 16.52 5.09
N ASN B 51 -7.80 15.26 5.05
CA ASN B 51 -8.67 14.21 4.54
C ASN B 51 -8.41 12.92 5.31
N PRO B 52 -9.31 12.51 6.20
CA PRO B 52 -9.02 11.32 7.02
C PRO B 52 -8.96 10.04 6.21
N ALA B 53 -9.54 10.02 5.02
CA ALA B 53 -9.46 8.87 4.13
C ALA B 53 -8.06 8.73 3.56
N SER B 54 -7.23 9.73 3.75
CA SER B 54 -5.84 9.76 3.31
C SER B 54 -5.75 9.44 1.81
N LYS B 55 -6.58 10.15 1.03
CA LYS B 55 -6.61 10.05 -0.42
C LYS B 55 -6.55 11.44 -1.05
N VAL B 56 -6.03 11.50 -2.28
CA VAL B 56 -6.21 12.69 -3.12
C VAL B 56 -7.25 12.36 -4.15
N PRO B 57 -7.94 13.37 -4.66
CA PRO B 57 -7.90 14.81 -4.36
C PRO B 57 -8.65 15.22 -3.13
N ALA B 58 -8.23 16.35 -2.55
CA ALA B 58 -8.93 17.00 -1.48
C ALA B 58 -8.68 18.50 -1.64
N ILE B 59 -9.64 19.31 -1.18
CA ILE B 59 -9.53 20.78 -1.24
C ILE B 59 -9.69 21.34 0.16
N ALA B 60 -8.85 22.34 0.47
CA ALA B 60 -9.10 23.25 1.57
C ALA B 60 -9.59 24.59 1.01
N TYR B 61 -10.71 25.05 1.52
CA TYR B 61 -11.42 26.19 0.94
C TYR B 61 -11.54 27.29 1.97
N GLY B 62 -11.03 28.46 1.63
CA GLY B 62 -11.23 29.61 2.45
C GLY B 62 -10.37 29.61 3.71
N GLY B 63 -10.75 30.45 4.67
CA GLY B 63 -9.99 30.58 5.90
C GLY B 63 -8.72 31.39 5.68
N PRO B 64 -7.83 31.43 6.69
CA PRO B 64 -6.62 32.25 6.57
C PRO B 64 -5.71 31.74 5.46
N HIS B 65 -4.93 32.67 4.90
CA HIS B 65 -3.87 32.31 3.96
C HIS B 65 -2.69 31.73 4.76
N VAL B 66 -2.40 30.46 4.52
CA VAL B 66 -1.37 29.73 5.25
C VAL B 66 -0.63 28.84 4.26
N PRO B 67 0.59 28.46 4.59
CA PRO B 67 1.31 27.49 3.74
C PRO B 67 0.48 26.21 3.61
N PRO B 68 0.50 25.58 2.44
CA PRO B 68 -0.40 24.43 2.23
C PRO B 68 -0.03 23.21 3.06
N ASP B 69 1.21 23.12 3.56
CA ASP B 69 1.55 22.03 4.46
C ASP B 69 1.31 22.39 5.93
N GLN B 70 0.68 23.53 6.18
CA GLN B 70 0.21 23.89 7.52
C GLN B 70 -1.23 24.35 7.40
N PRO B 71 -2.14 23.43 7.06
CA PRO B 71 -3.54 23.83 6.82
C PRO B 71 -4.21 24.32 8.08
N SER B 72 -5.08 25.32 7.90
CA SER B 72 -5.80 25.91 9.00
C SER B 72 -7.02 25.07 9.36
N PRO B 73 -7.39 25.00 10.63
CA PRO B 73 -8.67 24.37 10.98
C PRO B 73 -9.88 25.10 10.42
N GLU B 74 -9.75 26.38 10.13
CA GLU B 74 -10.89 27.19 9.73
C GLU B 74 -11.33 26.96 8.29
N SER B 75 -10.42 26.49 7.42
CA SER B 75 -10.83 26.18 6.05
C SER B 75 -11.75 24.97 6.02
N ILE B 76 -12.68 25.01 5.07
CA ILE B 76 -13.57 23.89 4.81
C ILE B 76 -12.78 22.83 4.04
N LYS B 77 -12.83 21.59 4.53
CA LYS B 77 -12.19 20.46 3.86
C LYS B 77 -13.22 19.69 3.05
N LEU B 78 -12.90 19.49 1.78
CA LEU B 78 -13.79 18.78 0.86
C LEU B 78 -13.02 17.69 0.14
N ALA B 79 -13.70 16.58 -0.14
CA ALA B 79 -13.06 15.48 -0.86
C ALA B 79 -14.09 14.87 -1.83
N GLU B 80 -13.61 13.86 -2.55
CA GLU B 80 -14.29 13.10 -3.62
C GLU B 80 -14.31 13.85 -4.94
N SER B 81 -13.57 13.31 -5.90
CA SER B 81 -13.23 14.00 -7.14
C SER B 81 -14.47 14.47 -7.90
N LEU B 82 -15.51 13.64 -7.98
CA LEU B 82 -16.66 14.07 -8.78
C LEU B 82 -17.39 15.21 -8.08
N ILE B 83 -17.40 15.19 -6.75
CA ILE B 83 -18.00 16.27 -5.97
C ILE B 83 -17.18 17.54 -6.13
N LEU B 84 -15.84 17.42 -6.11
CA LEU B 84 -14.97 18.57 -6.31
C LEU B 84 -15.08 19.14 -7.73
N VAL B 85 -15.26 18.30 -8.74
CA VAL B 85 -15.46 18.82 -10.10
C VAL B 85 -16.72 19.68 -10.14
N GLU B 86 -17.84 19.19 -9.57
CA GLU B 86 -19.07 20.00 -9.53
C GLU B 86 -18.91 21.23 -8.67
N PHE B 87 -18.04 21.16 -7.66
CA PHE B 87 -17.80 22.32 -6.83
C PHE B 87 -17.12 23.41 -7.63
N VAL B 88 -16.14 23.04 -8.45
CA VAL B 88 -15.49 24.02 -9.30
C VAL B 88 -16.52 24.59 -10.28
N ALA B 89 -17.36 23.71 -10.82
CA ALA B 89 -18.34 24.17 -11.80
C ALA B 89 -19.33 25.13 -11.17
N ASP B 90 -19.68 24.92 -9.90
CA ASP B 90 -20.60 25.79 -9.19
C ASP B 90 -19.96 27.14 -8.83
N LEU B 91 -18.67 27.15 -8.47
CA LEU B 91 -17.96 28.39 -8.13
C LEU B 91 -17.64 29.22 -9.38
N PHE B 92 -17.43 28.57 -10.53
CA PHE B 92 -17.01 29.21 -11.77
C PHE B 92 -18.00 28.93 -12.91
N PRO B 93 -19.23 29.49 -12.83
CA PRO B 93 -20.26 29.16 -13.85
C PRO B 93 -19.89 29.48 -15.28
N HIS B 94 -18.97 30.42 -15.50
CA HIS B 94 -18.54 30.81 -16.83
C HIS B 94 -17.54 29.84 -17.44
N SER B 95 -17.10 28.83 -16.66
CA SER B 95 -16.43 27.66 -17.23
C SER B 95 -17.36 26.87 -18.13
N HIS B 96 -18.67 26.93 -17.87
CA HIS B 96 -19.65 26.10 -18.55
C HIS B 96 -19.29 24.63 -18.44
N LEU B 97 -18.68 24.23 -17.32
CA LEU B 97 -18.50 22.82 -17.07
C LEU B 97 -19.83 22.11 -16.89
N LEU B 98 -20.80 22.76 -16.22
CA LEU B 98 -22.19 22.31 -16.15
C LEU B 98 -23.08 23.05 -17.17
N PRO B 99 -23.82 22.35 -18.02
CA PRO B 99 -24.78 23.01 -18.90
C PRO B 99 -25.91 23.67 -18.12
N HIS B 100 -26.47 24.75 -18.67
CA HIS B 100 -27.66 25.32 -18.03
C HIS B 100 -28.84 24.35 -18.08
N ASP B 101 -28.93 23.56 -19.12
CA ASP B 101 -30.20 22.82 -19.38
C ASP B 101 -30.34 21.63 -18.45
N PRO B 102 -31.47 21.48 -17.74
CA PRO B 102 -31.53 20.40 -16.75
C PRO B 102 -31.40 19.02 -17.36
N VAL B 103 -32.01 18.79 -18.53
CA VAL B 103 -31.84 17.51 -19.19
C VAL B 103 -30.38 17.24 -19.49
N LYS B 104 -29.68 18.22 -20.05
CA LYS B 104 -28.28 17.96 -20.41
C LYS B 104 -27.41 17.74 -19.17
N ARG B 105 -27.71 18.41 -18.06
CA ARG B 105 -27.00 18.13 -16.80
C ARG B 105 -27.20 16.69 -16.36
N ALA B 106 -28.45 16.20 -16.37
CA ALA B 106 -28.73 14.81 -16.00
C ALA B 106 -28.03 13.84 -16.93
N GLN B 107 -28.06 14.13 -18.26
CA GLN B 107 -27.36 13.27 -19.22
C GLN B 107 -25.85 13.23 -18.97
N ALA B 108 -25.25 14.36 -18.60
CA ALA B 108 -23.81 14.38 -18.28
C ALA B 108 -23.53 13.52 -17.05
N ARG B 109 -24.38 13.65 -16.03
CA ARG B 109 -24.21 12.88 -14.80
C ARG B 109 -24.43 11.40 -15.03
N PHE B 110 -25.34 11.03 -15.93
CA PHE B 110 -25.54 9.62 -16.25
C PHE B 110 -24.35 9.04 -16.99
N PHE B 111 -23.76 9.79 -17.89
CA PHE B 111 -22.53 9.37 -18.52
C PHE B 111 -21.44 9.12 -17.48
N ILE B 112 -21.34 10.03 -16.51
CA ILE B 112 -20.38 9.84 -15.40
C ILE B 112 -20.68 8.53 -14.66
N ASP B 113 -21.95 8.26 -14.37
CA ASP B 113 -22.28 7.00 -13.71
C ASP B 113 -21.76 5.81 -14.53
N GLY B 114 -21.88 5.87 -15.86
CA GLY B 114 -21.36 4.84 -16.74
C GLY B 114 -19.83 4.71 -16.70
N VAL B 115 -19.14 5.86 -16.65
CA VAL B 115 -17.72 5.86 -16.35
C VAL B 115 -17.46 5.16 -15.02
N SER B 116 -18.21 5.51 -13.98
CA SER B 116 -17.89 4.98 -12.66
C SER B 116 -18.22 3.50 -12.54
N THR B 117 -19.32 3.05 -13.15
CA THR B 117 -19.83 1.70 -12.86
C THR B 117 -19.49 0.68 -13.92
N LYS B 118 -19.09 1.10 -15.09
CA LYS B 118 -18.80 0.16 -16.17
C LYS B 118 -17.40 0.37 -16.71
N PHE B 119 -17.06 1.57 -17.18
CA PHE B 119 -15.77 1.74 -17.84
C PHE B 119 -14.62 1.45 -16.88
N ILE B 120 -14.61 2.09 -15.72
CA ILE B 120 -13.45 2.00 -14.82
C ILE B 120 -13.34 0.57 -14.28
N PRO B 121 -14.38 -0.03 -13.70
CA PRO B 121 -14.24 -1.45 -13.27
C PRO B 121 -13.87 -2.39 -14.39
N ALA B 122 -14.46 -2.23 -15.57
CA ALA B 122 -14.15 -3.13 -16.68
C ALA B 122 -12.71 -2.94 -17.12
N TRP B 123 -12.23 -1.70 -17.13
CA TRP B 123 -10.84 -1.46 -17.44
C TRP B 123 -9.94 -2.07 -16.39
N HIS B 124 -10.21 -1.78 -15.10
CA HIS B 124 -9.36 -2.36 -14.07
C HIS B 124 -9.34 -3.87 -14.19
N ALA B 125 -10.47 -4.48 -14.57
CA ALA B 125 -10.54 -5.94 -14.64
C ALA B 125 -9.71 -6.47 -15.80
N PHE B 126 -9.94 -5.91 -17.00
CA PHE B 126 -9.22 -6.36 -18.19
C PHE B 126 -7.71 -6.17 -18.02
N SER B 127 -7.29 -5.00 -17.54
CA SER B 127 -5.87 -4.67 -17.45
C SER B 127 -5.11 -5.50 -16.43
N GLN B 128 -5.82 -6.10 -15.47
CA GLN B 128 -5.21 -7.01 -14.51
C GLN B 128 -5.36 -8.46 -14.91
N GLY B 129 -5.79 -8.72 -16.14
CA GLY B 129 -5.98 -10.08 -16.61
C GLY B 129 -7.12 -10.81 -15.95
N LYS B 130 -8.07 -10.09 -15.35
CA LYS B 130 -9.20 -10.70 -14.66
C LYS B 130 -10.46 -10.82 -15.51
N SER B 131 -10.47 -10.32 -16.74
CA SER B 131 -11.66 -10.41 -17.57
C SER B 131 -11.23 -10.49 -19.03
N SER B 132 -12.17 -10.93 -19.86
CA SER B 132 -11.88 -11.11 -21.27
C SER B 132 -11.78 -9.75 -21.98
N GLU B 133 -11.09 -9.76 -23.11
CA GLU B 133 -11.08 -8.58 -23.95
C GLU B 133 -12.48 -8.23 -24.43
N GLU B 134 -13.35 -9.23 -24.63
CA GLU B 134 -14.72 -8.95 -25.03
C GLU B 134 -15.48 -8.24 -23.91
N ASP B 135 -15.34 -8.72 -22.67
CA ASP B 135 -15.94 -8.01 -21.55
C ASP B 135 -15.65 -6.52 -21.64
N PHE B 136 -14.37 -6.15 -21.89
CA PHE B 136 -13.95 -4.75 -21.80
C PHE B 136 -14.46 -3.94 -22.96
N LEU B 137 -14.50 -4.51 -24.16
CA LEU B 137 -14.98 -3.77 -25.32
C LEU B 137 -16.49 -3.58 -25.28
N THR B 138 -17.22 -4.56 -24.75
CA THR B 138 -18.65 -4.38 -24.53
C THR B 138 -18.91 -3.25 -23.54
N ALA B 139 -18.07 -3.14 -22.51
CA ALA B 139 -18.20 -2.00 -21.58
C ALA B 139 -18.04 -0.68 -22.31
N VAL B 140 -16.98 -0.54 -23.12
CA VAL B 140 -16.78 0.69 -23.89
C VAL B 140 -17.94 0.90 -24.86
N GLU B 141 -18.58 -0.19 -25.32
CA GLU B 141 -19.72 -0.07 -26.21
C GLU B 141 -20.90 0.60 -25.53
N HIS B 142 -21.13 0.28 -24.24
CA HIS B 142 -22.18 0.98 -23.48
C HIS B 142 -21.98 2.48 -23.56
N LEU B 143 -20.73 2.92 -23.38
CA LEU B 143 -20.47 4.35 -23.33
C LEU B 143 -20.57 4.98 -24.71
N GLN B 144 -20.08 4.29 -25.74
CA GLN B 144 -20.18 4.84 -27.09
C GLN B 144 -21.62 5.10 -27.48
N ALA B 145 -22.53 4.19 -27.14
CA ALA B 145 -23.94 4.36 -27.48
C ALA B 145 -24.53 5.62 -26.85
N LEU B 146 -23.96 6.11 -25.75
CA LEU B 146 -24.45 7.35 -25.15
C LEU B 146 -24.00 8.58 -25.91
N LEU B 147 -23.03 8.45 -26.74
CA LEU B 147 -22.51 9.66 -27.39
C LEU B 147 -23.47 10.14 -28.47
N PRO B 148 -23.63 11.49 -28.63
CA PRO B 148 -24.42 12.04 -29.73
C PRO B 148 -23.65 11.87 -31.02
N GLU B 149 -24.25 12.25 -32.17
CA GLU B 149 -23.56 12.04 -33.45
C GLU B 149 -22.22 12.76 -33.47
N SER B 150 -22.12 13.93 -32.85
CA SER B 150 -20.87 14.69 -32.85
C SER B 150 -20.66 15.39 -31.52
N GLY B 151 -19.39 15.71 -31.26
CA GLY B 151 -18.96 16.45 -30.10
C GLY B 151 -18.66 15.56 -28.90
N PHE B 152 -18.75 16.15 -27.72
CA PHE B 152 -18.42 15.45 -26.49
C PHE B 152 -19.64 14.71 -25.94
N ALA B 153 -19.51 14.21 -24.71
CA ALA B 153 -20.50 13.32 -24.11
C ALA B 153 -21.92 13.85 -24.21
N VAL B 154 -22.13 15.14 -23.93
CA VAL B 154 -23.47 15.71 -24.11
C VAL B 154 -23.44 16.87 -25.12
N GLY B 155 -22.55 16.80 -26.11
CA GLY B 155 -22.38 17.90 -27.05
C GLY B 155 -21.25 18.85 -26.68
N ALA B 156 -21.59 19.97 -26.04
CA ALA B 156 -20.58 20.82 -25.45
C ALA B 156 -19.79 20.03 -24.41
N TYR B 157 -18.50 20.34 -24.32
CA TYR B 157 -17.66 19.79 -23.25
C TYR B 157 -18.29 20.05 -21.88
N SER B 158 -18.21 19.04 -20.99
CA SER B 158 -18.89 19.07 -19.71
C SER B 158 -18.10 18.25 -18.69
N ILE B 159 -18.61 18.24 -17.45
CA ILE B 159 -18.07 17.40 -16.38
C ILE B 159 -18.04 15.92 -16.78
N ALA B 160 -18.96 15.47 -17.67
CA ALA B 160 -18.88 14.08 -18.13
C ALA B 160 -17.53 13.77 -18.76
N ASP B 161 -17.03 14.68 -19.60
CA ASP B 161 -15.75 14.45 -20.25
C ASP B 161 -14.60 14.56 -19.25
N VAL B 162 -14.72 15.50 -18.30
CA VAL B 162 -13.75 15.60 -17.21
C VAL B 162 -13.58 14.27 -16.51
N ALA B 163 -14.70 13.62 -16.19
CA ALA B 163 -14.67 12.40 -15.39
C ALA B 163 -13.85 11.31 -16.06
N LEU B 164 -13.95 11.19 -17.39
CA LEU B 164 -13.45 10.02 -18.10
C LEU B 164 -12.01 10.18 -18.54
N THR B 165 -11.64 11.40 -18.95
CA THR B 165 -10.41 11.59 -19.70
C THR B 165 -9.19 11.11 -18.95
N PRO B 166 -8.99 11.40 -17.64
CA PRO B 166 -7.79 10.89 -16.96
C PRO B 166 -7.63 9.38 -17.04
N PHE B 167 -8.72 8.62 -17.10
CA PHE B 167 -8.58 7.17 -17.10
C PHE B 167 -8.25 6.66 -18.49
N LEU B 168 -8.75 7.33 -19.52
CA LEU B 168 -8.40 6.99 -20.90
C LEU B 168 -6.95 7.36 -21.19
N GLY B 169 -6.50 8.53 -20.73
CA GLY B 169 -5.08 8.86 -20.86
C GLY B 169 -4.16 7.81 -20.26
N ARG B 170 -4.49 7.31 -19.07
CA ARG B 170 -3.65 6.29 -18.48
C ARG B 170 -3.88 4.92 -19.11
N ALA B 171 -5.11 4.62 -19.55
CA ALA B 171 -5.33 3.38 -20.28
C ALA B 171 -4.49 3.36 -21.55
N ARG B 172 -4.37 4.50 -22.23
CA ARG B 172 -3.55 4.57 -23.44
C ARG B 172 -2.09 4.20 -23.14
N VAL B 173 -1.48 4.85 -22.16
CA VAL B 173 -0.12 4.51 -21.79
C VAL B 173 -0.01 3.02 -21.46
N THR B 174 -0.96 2.51 -20.67
CA THR B 174 -0.89 1.10 -20.28
C THR B 174 -0.91 0.18 -21.50
N LEU B 175 -1.78 0.45 -22.48
CA LEU B 175 -1.94 -0.45 -23.61
C LEU B 175 -0.81 -0.30 -24.60
N LYS B 176 -0.34 0.93 -24.81
CA LYS B 176 0.78 1.19 -25.69
C LYS B 176 2.02 0.39 -25.25
N GLU B 177 2.39 0.50 -23.98
CA GLU B 177 3.55 -0.22 -23.46
C GLU B 177 3.27 -1.69 -23.19
N ASP B 178 2.05 -2.16 -23.46
CA ASP B 178 1.71 -3.57 -23.30
C ASP B 178 1.96 -4.05 -21.87
N LEU B 179 1.63 -3.19 -20.90
CA LEU B 179 1.63 -3.57 -19.50
C LEU B 179 0.26 -4.12 -19.14
N GLY B 180 0.23 -5.16 -18.31
CA GLY B 180 -1.04 -5.68 -17.86
C GLY B 180 -0.98 -7.18 -17.65
N GLY B 181 -2.15 -7.72 -17.28
CA GLY B 181 -2.31 -9.13 -17.02
C GLY B 181 -2.99 -9.87 -18.16
N TYR B 182 -3.46 -9.14 -19.18
CA TYR B 182 -3.86 -9.78 -20.42
C TYR B 182 -2.62 -10.37 -21.07
N PRO B 183 -2.84 -11.27 -22.00
CA PRO B 183 -1.85 -12.01 -22.76
C PRO B 183 -0.89 -11.09 -23.46
N ARG B 184 0.41 -11.34 -23.29
CA ARG B 184 1.44 -10.52 -23.89
C ARG B 184 1.22 -10.25 -25.38
N GLY B 185 1.53 -9.03 -25.79
CA GLY B 185 1.39 -8.61 -27.16
C GLY B 185 0.05 -8.07 -27.63
N GLU B 186 -1.04 -8.28 -26.89
CA GLU B 186 -2.35 -7.86 -27.30
C GLU B 186 -2.69 -6.45 -26.91
N GLY B 187 -1.82 -5.78 -26.18
CA GLY B 187 -2.03 -4.43 -25.72
C GLY B 187 -2.14 -3.40 -26.82
N PRO B 188 -1.10 -3.29 -27.66
CA PRO B 188 -1.10 -2.23 -28.67
C PRO B 188 -2.18 -2.39 -29.73
N ARG B 189 -2.80 -3.56 -29.86
CA ARG B 189 -3.90 -3.66 -30.82
C ARG B 189 -5.26 -3.39 -30.18
N VAL B 190 -5.46 -3.78 -28.91
CA VAL B 190 -6.66 -3.34 -28.21
C VAL B 190 -6.72 -1.83 -28.20
N LEU B 191 -5.57 -1.18 -28.02
CA LEU B 191 -5.52 0.27 -28.16
C LEU B 191 -6.00 0.71 -29.55
N ALA B 192 -5.76 -0.11 -30.57
CA ALA B 192 -6.17 0.26 -31.91
C ALA B 192 -7.69 0.31 -32.02
N VAL B 193 -8.36 -0.75 -31.56
CA VAL B 193 -9.81 -0.80 -31.61
C VAL B 193 -10.42 0.34 -30.80
N LEU B 194 -9.68 0.90 -29.83
CA LEU B 194 -10.20 1.97 -28.98
C LEU B 194 -10.06 3.35 -29.57
N THR B 195 -9.07 3.56 -30.44
CA THR B 195 -8.69 4.89 -30.84
C THR B 195 -8.52 5.03 -32.35
N SER B 196 -8.55 3.93 -33.10
CA SER B 196 -8.37 4.00 -34.55
C SER B 196 -9.36 4.96 -35.18
N GLY B 197 -10.56 5.10 -34.63
CA GLY B 197 -11.58 5.89 -35.28
C GLY B 197 -12.32 5.15 -36.38
N THR B 198 -12.22 3.83 -36.42
CA THR B 198 -12.90 3.02 -37.42
C THR B 198 -13.21 1.67 -36.83
N GLY B 199 -14.31 1.08 -37.26
CA GLY B 199 -14.66 -0.27 -36.85
C GLY B 199 -15.74 -0.38 -35.78
N ARG B 200 -15.59 -1.38 -34.90
CA ARG B 200 -16.59 -1.63 -33.88
C ARG B 200 -16.78 -0.45 -32.93
N LEU B 201 -15.73 0.33 -32.70
CA LEU B 201 -15.79 1.45 -31.76
C LEU B 201 -15.30 2.71 -32.45
N ALA B 202 -15.71 2.90 -33.71
CA ALA B 202 -15.23 4.04 -34.48
C ALA B 202 -15.71 5.36 -33.89
N ARG B 203 -16.96 5.39 -33.43
CA ARG B 203 -17.46 6.61 -32.80
C ARG B 203 -16.68 6.91 -31.52
N PHE B 204 -16.51 5.91 -30.66
CA PHE B 204 -15.75 6.12 -29.42
C PHE B 204 -14.34 6.58 -29.73
N GLY B 205 -13.72 5.99 -30.76
CA GLY B 205 -12.36 6.37 -31.13
C GLY B 205 -12.24 7.84 -31.48
N LYS B 206 -13.23 8.38 -32.19
CA LYS B 206 -13.26 9.82 -32.48
C LYS B 206 -13.41 10.62 -31.20
N TYR B 207 -14.34 10.20 -30.35
CA TYR B 207 -14.52 10.84 -29.04
C TYR B 207 -13.21 10.81 -28.26
N ALA B 208 -12.56 9.65 -28.26
CA ALA B 208 -11.30 9.49 -27.54
C ALA B 208 -10.26 10.50 -28.00
N GLN B 209 -10.06 10.61 -29.32
CA GLN B 209 -9.12 11.58 -29.86
C GLN B 209 -9.43 12.98 -29.35
N ASP B 210 -10.70 13.39 -29.43
CA ASP B 210 -11.10 14.72 -29.00
C ASP B 210 -10.78 14.93 -27.51
N LEU B 211 -11.12 13.97 -26.66
CA LEU B 211 -10.81 14.09 -25.23
C LEU B 211 -9.31 14.25 -25.02
N LEU B 212 -8.53 13.35 -25.60
CA LEU B 212 -7.09 13.39 -25.41
C LEU B 212 -6.46 14.62 -26.06
N ALA B 213 -7.14 15.30 -26.98
CA ALA B 213 -6.60 16.54 -27.54
C ALA B 213 -6.94 17.76 -26.70
N ARG B 214 -7.92 17.65 -25.82
CA ARG B 214 -8.38 18.79 -25.07
C ARG B 214 -7.24 19.46 -24.31
N GLU B 215 -7.19 20.79 -24.39
CA GLU B 215 -6.12 21.56 -23.79
C GLU B 215 -6.00 21.26 -22.30
N SER B 216 -7.13 21.20 -21.60
CA SER B 216 -7.07 21.04 -20.16
C SER B 216 -6.48 19.68 -19.78
N PHE B 217 -6.72 18.65 -20.60
CA PHE B 217 -6.08 17.36 -20.35
C PHE B 217 -4.57 17.43 -20.60
N GLN B 218 -4.17 17.89 -21.79
CA GLN B 218 -2.75 17.92 -22.14
C GLN B 218 -1.93 18.65 -21.09
N ALA B 219 -2.45 19.77 -20.59
CA ALA B 219 -1.71 20.64 -19.67
C ALA B 219 -1.61 20.07 -18.26
N THR B 220 -2.38 19.05 -17.92
CA THR B 220 -2.38 18.45 -16.59
C THR B 220 -1.91 17.01 -16.62
N PHE B 221 -1.33 16.56 -17.73
CA PHE B 221 -0.91 15.19 -17.94
C PHE B 221 0.59 15.14 -18.25
N ASP B 222 1.37 14.61 -17.30
CA ASP B 222 2.81 14.44 -17.48
C ASP B 222 3.07 13.06 -18.07
N GLU B 223 3.03 12.98 -19.41
CA GLU B 223 3.10 11.68 -20.07
C GLU B 223 4.39 10.93 -19.70
N ALA B 224 5.51 11.64 -19.60
CA ALA B 224 6.77 11.00 -19.23
C ALA B 224 6.67 10.42 -17.83
N TYR B 225 6.24 11.24 -16.88
CA TYR B 225 6.12 10.80 -15.50
C TYR B 225 5.27 9.54 -15.41
N ILE B 226 4.06 9.59 -15.96
CA ILE B 226 3.11 8.48 -15.90
C ILE B 226 3.73 7.22 -16.49
N THR B 227 4.32 7.35 -17.68
CA THR B 227 4.87 6.17 -18.35
C THR B 227 5.96 5.52 -17.52
N GLU B 228 6.81 6.33 -16.90
CA GLU B 228 7.88 5.77 -16.08
C GLU B 228 7.31 5.05 -14.87
N ARG B 229 6.33 5.66 -14.20
CA ARG B 229 5.75 5.02 -13.04
C ARG B 229 5.06 3.71 -13.41
N TYR B 230 4.33 3.69 -14.54
CA TYR B 230 3.59 2.48 -14.90
C TYR B 230 4.53 1.34 -15.27
N LYS B 231 5.62 1.64 -15.99
CA LYS B 231 6.60 0.61 -16.31
C LYS B 231 7.22 0.05 -15.03
N ALA B 232 7.50 0.93 -14.07
CA ALA B 232 8.08 0.49 -12.80
C ALA B 232 7.11 -0.37 -12.01
N ARG B 233 5.89 0.13 -11.81
CA ARG B 233 4.91 -0.60 -11.02
C ARG B 233 4.59 -1.97 -11.62
N PHE B 234 4.80 -2.15 -12.93
CA PHE B 234 4.73 -3.48 -13.54
C PHE B 234 5.83 -4.38 -12.99
N1 GSH C . 18.68 -5.31 11.84
CA1 GSH C . 18.45 -5.60 13.26
C1 GSH C . 18.13 -7.11 13.45
O11 GSH C . 18.62 -7.69 14.45
O12 GSH C . 17.40 -7.75 12.62
CB1 GSH C . 17.33 -4.70 13.76
CG1 GSH C . 16.96 -4.89 15.21
CD1 GSH C . 16.27 -3.61 15.71
OE1 GSH C . 15.92 -2.72 14.96
N2 GSH C . 15.94 -3.58 17.09
CA2 GSH C . 15.27 -2.44 17.69
C2 GSH C . 16.21 -1.77 18.66
O2 GSH C . 16.84 -2.43 19.48
CB2 GSH C . 14.02 -2.82 18.48
SG2 GSH C . 12.73 -3.79 17.65
N3 GSH C . 16.26 -0.33 18.59
CA3 GSH C . 17.08 0.41 19.54
C3 GSH C . 17.60 1.69 18.93
O31 GSH C . 18.11 2.56 19.70
O32 GSH C . 17.55 1.88 17.68
HN11 GSH C . 19.06 -6.01 11.45
HN12 GSH C . 19.22 -4.61 11.76
HA1 GSH C . 19.26 -5.39 13.75
HB12 GSH C . 16.55 -4.86 13.22
HB13 GSH C . 17.60 -3.77 13.63
HG12 GSH C . 17.76 -5.04 15.73
HG13 GSH C . 16.35 -5.64 15.30
HN2 GSH C . 16.18 -4.24 17.59
HA2 GSH C . 15.03 -1.81 16.99
HB22 GSH C . 13.60 -1.99 18.78
HB23 GSH C . 14.29 -3.31 19.26
HN3 GSH C . 15.78 0.09 18.02
HA31 GSH C . 16.54 0.62 20.31
HA32 GSH C . 17.82 -0.15 19.81
C4 EZE D . 8.91 -2.15 16.53
C5 EZE D . 10.22 -1.70 16.28
C6 EZE D . 10.98 -0.92 17.25
C7 EZE D . 10.58 -0.58 18.47
C8 EZE D . 11.36 0.20 19.42
C10 EZE D . 13.29 1.58 19.94
C13 EZE D . 11.53 1.32 21.55
C15 EZE D . 10.84 0.48 20.69
O1 EZE D . 7.95 -3.54 13.29
C2 EZE D . 8.71 -2.96 14.28
C3 EZE D . 8.17 -2.79 15.55
C9 EZE D . 12.60 0.76 19.06
O11 EZE D . 14.50 2.10 19.59
C12 EZE D . 12.76 1.87 21.20
O14 EZE D . 10.99 1.64 22.77
C16 EZE D . 10.76 -1.94 15.01
O17 EZE D . 12.06 -1.60 14.75
C18 EZE D . 10.01 -2.55 14.01
H21 EZE D . 8.47 -2.01 17.52
H22 EZE D . 11.97 -0.61 16.92
H23 EZE D . 9.61 -0.91 18.83
H28 EZE D . 9.89 0.05 20.99
H19 EZE D . 7.06 -3.75 13.65
H20 EZE D . 7.17 -3.13 15.78
H24 EZE D . 13.01 0.52 18.08
H25 EZE D . 14.72 1.78 18.67
H26 EZE D . 13.29 2.52 21.88
H27 EZE D . 10.78 0.78 23.23
H29 EZE D . 12.63 -2.14 15.36
H30 EZE D . 10.44 -2.71 13.02
N1 GSH E . -13.23 7.95 -4.55
CA1 GSH E . -12.03 8.78 -4.60
C1 GSH E . -12.21 10.02 -5.52
O11 GSH E . -11.66 11.13 -5.22
O12 GSH E . -12.88 9.94 -6.59
CB1 GSH E . -10.90 7.96 -5.18
CG1 GSH E . -9.58 8.68 -4.94
CD1 GSH E . -8.38 7.72 -4.89
OE1 GSH E . -8.48 6.52 -4.83
N2 GSH E . -7.07 8.32 -4.96
CA2 GSH E . -5.88 7.47 -4.89
C2 GSH E . -5.24 7.76 -3.53
O2 GSH E . -5.21 8.86 -3.06
CB2 GSH E . -4.81 7.76 -5.93
SG2 GSH E . -5.48 7.81 -7.60
N3 GSH E . -4.61 6.65 -2.90
CA3 GSH E . -3.96 6.80 -1.63
C3 GSH E . -4.38 5.63 -0.76
O31 GSH E . -3.89 5.55 0.40
O32 GSH E . -5.18 4.76 -1.22
HN11 GSH E . -13.94 8.45 -4.44
HN12 GSH E . -13.16 7.38 -3.88
HA1 GSH E . -11.79 9.08 -3.70
HB12 GSH E . -10.88 7.09 -4.75
HB13 GSH E . -11.05 7.84 -6.14
HG12 GSH E . -9.62 9.16 -4.10
HG13 GSH E . -9.44 9.32 -5.66
HN2 GSH E . -6.99 9.18 -4.99
HA2 GSH E . -6.14 6.54 -4.94
HB22 GSH E . -4.40 8.62 -5.72
HB23 GSH E . -4.14 7.07 -5.88
HN3 GSH E . -4.63 5.87 -3.26
HA31 GSH E . -2.99 6.78 -1.75
HA32 GSH E . -4.22 7.63 -1.22
#